data_1OOK
#
_entry.id   1OOK
#
_cell.length_a   67.649
_cell.length_b   67.649
_cell.length_c   328.578
_cell.angle_alpha   90.00
_cell.angle_beta   90.00
_cell.angle_gamma   90.00
#
_symmetry.space_group_name_H-M   'P 43 21 2'
#
loop_
_entity.id
_entity.type
_entity.pdbx_description
1 polymer 'Human Alpha Thrombin'
2 polymer 'Human Alpha Thrombin'
3 polymer PHE-PRO-ARG-Chloromethylketone
4 polymer 'Platelet glycoprotein Ib alpha chain precursor'
5 branched alpha-D-mannopyranose-(1-3)-[alpha-D-mannopyranose-(1-6)]alpha-D-mannopyranose-(1-4)-2-acetamido-2-deoxy-beta-D-glucopyranose-(1-4)-2-acetamido-2-deoxy-beta-D-glucopyranose
6 non-polymer 'CHLORIDE ION'
7 non-polymer 2-acetamido-2-deoxy-beta-D-glucopyranose
8 water water
#
loop_
_entity_poly.entity_id
_entity_poly.type
_entity_poly.pdbx_seq_one_letter_code
_entity_poly.pdbx_strand_id
1 'polypeptide(L)' TFGSGEADCGLRPLFEKKSLEDKTERELLESYIDGR A
2 'polypeptide(L)'
;IVEGSDAEIGMSPWQVMLFRKSPQELLCGASLISDRWVLTAAHCLLYPPWDKNFTENDLLVRIGKHSRTRYERNIEKISM
LEKIYIHPRYNWRENLDRDIALMKLKKPVAFSDYIHPVCLPDRETAASLLQAGYKGRVTGWGNLKETWTANVGKGQPSVL
QVVNLPIVERPVCKDSTRIRITDNMFCAGYKPDEGKRGDACEGDSGGPFVMKSPFNNRWYQMGIVSWGEGCDRDGKYGFY
THVFRLKKWIQKVIDQFGE
;
B
3 'polypeptide(L)' FPR P
4 'polypeptide(L)'
;HPICEVSKVASHLEVNCDKRNLTALPPDLPKDTTILHLSENLLYTFSLATLMPYTRLTQLNLDRAELTKLQVDGTLPVLG
TLDLSHNQLQSLPLLGQTLPALTVLDVSFNRLTSLPLGALRGLGELQELYLKGNELKTLPPGLLTPTPKLEKLSLANNNL
TELPAGLLNGLENLDTLLLQENSLYTIPKGFFGSHLLPFAFLHGNPWLCNCEILYFRRWLQDNAENVYVWKQGVDVKAMT
SNVASVQCDNSDKFPVYKYPGKGCPTLGDEGDTDL(TYS)DY(TYS)PEEDTEGDKVR
;
G
#
# COMPACT_ATOMS: atom_id res chain seq x y z
N THR A 1 -9.24 23.78 -13.32
CA THR A 1 -10.47 24.13 -12.54
C THR A 1 -10.97 22.98 -11.68
N PHE A 2 -10.90 21.76 -12.20
CA PHE A 2 -11.37 20.59 -11.46
C PHE A 2 -10.25 19.85 -10.74
N GLY A 3 -10.48 19.55 -9.46
CA GLY A 3 -9.50 18.84 -8.66
C GLY A 3 -9.85 17.38 -8.44
N SER A 4 -11.14 17.11 -8.25
CA SER A 4 -11.66 15.76 -8.04
C SER A 4 -11.46 15.28 -6.59
N GLY A 5 -12.42 15.60 -5.74
CA GLY A 5 -12.33 15.20 -4.35
C GLY A 5 -12.96 16.16 -3.36
N GLU A 6 -12.92 17.45 -3.68
CA GLU A 6 -13.49 18.47 -2.80
C GLU A 6 -15.02 18.42 -2.77
N ALA A 7 -15.62 19.36 -2.03
CA ALA A 7 -17.07 19.42 -1.90
C ALA A 7 -17.51 18.25 -1.02
N ASP A 8 -16.63 17.27 -0.93
CA ASP A 8 -16.86 16.07 -0.15
C ASP A 8 -15.74 16.01 0.89
N CYS A 9 -14.70 16.81 0.65
CA CYS A 9 -13.52 16.88 1.52
C CYS A 9 -13.85 17.06 3.00
N GLY A 10 -12.93 16.60 3.85
CA GLY A 10 -13.10 16.78 5.28
C GLY A 10 -14.21 16.03 5.99
N LEU A 11 -14.91 15.17 5.27
CA LEU A 11 -16.00 14.38 5.85
C LEU A 11 -15.55 12.93 5.78
N ARG A 12 -15.31 12.34 6.95
CA ARG A 12 -14.81 10.97 7.07
C ARG A 12 -15.87 9.89 6.95
N PRO A 13 -15.68 8.95 6.02
CA PRO A 13 -16.62 7.84 5.81
C PRO A 13 -16.99 7.10 7.09
N LEU A 14 -16.00 6.87 7.96
CA LEU A 14 -16.27 6.14 9.20
C LEU A 14 -16.75 7.01 10.36
N PHE A 15 -16.81 8.31 10.16
CA PHE A 15 -17.25 9.19 11.23
C PHE A 15 -18.38 10.16 10.89
N GLU A 16 -18.06 11.32 10.32
CA GLU A 16 -19.10 12.28 9.99
C GLU A 16 -20.20 11.66 9.13
N LYS A 17 -19.81 10.90 8.12
CA LYS A 17 -20.78 10.26 7.22
C LYS A 17 -21.66 9.23 7.91
N LYS A 18 -21.22 8.73 9.06
CA LYS A 18 -22.00 7.74 9.80
C LYS A 18 -22.54 8.34 11.06
N SER A 19 -22.49 9.67 11.14
CA SER A 19 -22.96 10.38 12.31
C SER A 19 -22.27 9.87 13.57
N LEU A 20 -21.00 9.47 13.44
CA LEU A 20 -20.22 8.99 14.58
C LEU A 20 -19.09 9.98 14.88
N GLU A 21 -18.76 10.14 16.15
CA GLU A 21 -17.69 11.06 16.52
C GLU A 21 -16.51 10.27 17.05
N ASP A 22 -15.29 10.75 16.80
CA ASP A 22 -14.14 10.03 17.30
C ASP A 22 -13.97 10.38 18.77
N LYS A 23 -13.13 9.63 19.47
CA LYS A 23 -12.91 9.80 20.89
C LYS A 23 -12.39 11.13 21.44
N THR A 24 -11.74 11.94 20.62
CA THR A 24 -11.20 13.19 21.14
C THR A 24 -11.53 14.46 20.35
N GLU A 25 -12.38 14.35 19.34
CA GLU A 25 -12.70 15.53 18.56
C GLU A 25 -13.45 16.55 19.43
N ARG A 26 -13.98 16.10 20.55
CA ARG A 26 -14.69 16.96 21.48
C ARG A 26 -13.68 17.94 22.11
N GLU A 27 -12.45 17.49 22.29
CA GLU A 27 -11.41 18.33 22.86
C GLU A 27 -11.22 19.53 21.96
N LEU A 28 -11.28 19.29 20.65
CA LEU A 28 -11.09 20.37 19.70
C LEU A 28 -12.24 21.38 19.78
N LEU A 29 -13.47 20.89 19.72
CA LEU A 29 -14.65 21.75 19.79
C LEU A 29 -14.72 22.58 21.08
N GLU A 30 -14.36 21.98 22.21
CA GLU A 30 -14.41 22.71 23.47
C GLU A 30 -13.41 23.86 23.54
N SER A 31 -12.37 23.82 22.70
CA SER A 31 -11.36 24.87 22.69
C SER A 31 -11.83 26.11 21.95
N TYR A 32 -12.96 26.00 21.27
CA TYR A 32 -13.51 27.13 20.52
C TYR A 32 -14.29 28.07 21.43
N ILE A 33 -14.34 27.74 22.72
CA ILE A 33 -15.05 28.55 23.71
C ILE A 33 -14.04 29.24 24.62
N ASP A 34 -14.22 30.54 24.83
CA ASP A 34 -13.32 31.30 25.68
C ASP A 34 -13.05 30.57 26.99
N GLY A 35 -11.78 30.18 27.20
CA GLY A 35 -11.41 29.46 28.41
C GLY A 35 -11.14 30.38 29.59
N ARG A 36 -11.42 31.66 29.40
CA ARG A 36 -11.22 32.69 30.43
C ARG A 36 -9.74 33.01 30.66
N ILE B 1 5.21 11.33 16.65
CA ILE B 1 4.30 12.01 17.62
C ILE B 1 4.65 11.60 19.04
N VAL B 2 4.93 12.59 19.89
CA VAL B 2 5.27 12.33 21.28
C VAL B 2 4.10 12.58 22.22
N GLU B 3 3.86 11.64 23.12
CA GLU B 3 2.78 11.77 24.10
C GLU B 3 1.39 11.85 23.48
N GLY B 4 1.19 11.16 22.36
CA GLY B 4 -0.11 11.14 21.72
C GLY B 4 -0.70 9.77 21.98
N SER B 5 -1.66 9.35 21.17
CA SER B 5 -2.25 8.04 21.36
C SER B 5 -2.52 7.39 20.01
N ASP B 6 -2.81 6.09 20.03
CA ASP B 6 -3.10 5.36 18.80
C ASP B 6 -4.35 5.95 18.18
N ALA B 7 -4.32 6.14 16.86
CA ALA B 7 -5.47 6.68 16.15
C ALA B 7 -6.51 5.61 15.96
N GLU B 8 -7.78 6.01 15.87
CA GLU B 8 -8.86 5.06 15.62
C GLU B 8 -8.82 4.80 14.10
N ILE B 9 -9.38 3.65 13.68
CA ILE B 9 -9.41 3.31 12.26
C ILE B 9 -10.21 4.32 11.45
N GLY B 10 -9.61 4.80 10.37
CA GLY B 10 -10.28 5.78 9.53
C GLY B 10 -10.45 7.14 10.18
N MET B 11 -9.76 7.38 11.27
CA MET B 11 -9.85 8.66 11.98
C MET B 11 -9.19 9.81 11.21
N SER B 12 -8.23 9.46 10.37
CA SER B 12 -7.50 10.46 9.59
C SER B 12 -7.27 9.90 8.19
N PRO B 13 -8.35 9.59 7.45
CA PRO B 13 -8.36 9.03 6.10
C PRO B 13 -7.51 9.73 5.05
N TRP B 14 -7.09 10.96 5.36
CA TRP B 14 -6.26 11.73 4.44
C TRP B 14 -4.77 11.56 4.74
N GLN B 15 -4.46 10.83 5.81
CA GLN B 15 -3.07 10.60 6.19
C GLN B 15 -2.31 9.90 5.07
N VAL B 16 -1.13 10.42 4.73
CA VAL B 16 -0.32 9.82 3.67
C VAL B 16 1.10 9.51 4.13
N MET B 17 1.63 8.38 3.67
CA MET B 17 2.97 7.98 4.03
C MET B 17 3.92 8.12 2.84
N LEU B 18 4.98 8.90 3.00
CA LEU B 18 5.96 9.07 1.93
C LEU B 18 6.96 7.97 2.20
N PHE B 19 7.08 7.07 1.23
CA PHE B 19 7.94 5.90 1.34
C PHE B 19 9.10 5.95 0.36
N ARG B 20 10.29 5.63 0.85
CA ARG B 20 11.47 5.61 -0.01
C ARG B 20 11.62 4.22 -0.61
N LYS B 21 11.86 4.17 -1.92
CA LYS B 21 12.01 2.90 -2.64
C LYS B 21 13.26 2.13 -2.26
N SER B 22 14.39 2.82 -2.28
CA SER B 22 15.68 2.19 -1.97
C SER B 22 16.62 3.14 -1.23
N PRO B 23 16.95 2.81 0.03
CA PRO B 23 16.42 1.62 0.70
C PRO B 23 14.97 1.87 1.07
N GLN B 24 14.25 0.81 1.43
CA GLN B 24 12.85 0.94 1.82
C GLN B 24 12.76 1.53 3.20
N GLU B 25 12.15 2.71 3.31
CA GLU B 25 11.99 3.36 4.59
C GLU B 25 10.97 4.47 4.57
N LEU B 26 10.32 4.67 5.70
CA LEU B 26 9.33 5.71 5.84
C LEU B 26 10.18 6.97 5.99
N LEU B 27 9.91 7.99 5.20
CA LEU B 27 10.70 9.21 5.37
C LEU B 27 9.92 10.43 5.82
N CYS B 28 8.59 10.40 5.69
CA CYS B 28 7.78 11.55 6.07
C CYS B 28 6.28 11.30 5.96
N GLY B 29 5.53 12.25 6.49
CA GLY B 29 4.09 12.19 6.44
C GLY B 29 3.64 13.08 5.29
N ALA B 30 2.33 13.11 5.05
CA ALA B 30 1.78 13.91 3.97
C ALA B 30 0.26 13.83 4.07
N SER B 31 -0.43 14.58 3.22
CA SER B 31 -1.88 14.56 3.25
C SER B 31 -2.46 14.57 1.83
N LEU B 32 -3.64 13.97 1.71
CA LEU B 32 -4.32 13.87 0.43
C LEU B 32 -5.32 15.02 0.37
N ILE B 33 -5.24 15.85 -0.66
CA ILE B 33 -6.17 16.95 -0.78
C ILE B 33 -7.14 16.78 -1.94
N SER B 34 -6.95 15.71 -2.72
CA SER B 34 -7.81 15.40 -3.85
C SER B 34 -7.47 14.00 -4.31
N ASP B 35 -8.13 13.53 -5.37
CA ASP B 35 -7.88 12.18 -5.85
C ASP B 35 -6.54 12.07 -6.54
N ARG B 36 -5.83 13.18 -6.70
CA ARG B 36 -4.53 13.09 -7.36
C ARG B 36 -3.44 14.02 -6.80
N TRP B 37 -3.78 14.76 -5.75
CA TRP B 37 -2.80 15.68 -5.17
C TRP B 37 -2.48 15.41 -3.71
N VAL B 38 -1.19 15.41 -3.41
CA VAL B 38 -0.72 15.19 -2.06
C VAL B 38 0.12 16.38 -1.61
N LEU B 39 -0.10 16.80 -0.37
CA LEU B 39 0.61 17.94 0.20
C LEU B 39 1.60 17.44 1.27
N THR B 40 2.82 17.99 1.27
CA THR B 40 3.81 17.60 2.25
C THR B 40 4.75 18.77 2.52
N ALA B 41 5.78 18.52 3.32
CA ALA B 41 6.79 19.52 3.65
C ALA B 41 7.91 19.43 2.62
N ALA B 42 8.35 20.58 2.13
CA ALA B 42 9.41 20.65 1.15
C ALA B 42 10.69 19.96 1.60
N HIS B 43 11.09 20.17 2.86
CA HIS B 43 12.35 19.58 3.35
C HIS B 43 12.34 18.06 3.44
N CYS B 44 11.17 17.45 3.23
CA CYS B 44 11.04 15.99 3.24
C CYS B 44 11.61 15.48 1.93
N LEU B 45 11.69 16.38 0.96
CA LEU B 45 12.18 16.05 -0.37
C LEU B 45 13.50 16.71 -0.70
N LEU B 46 13.65 17.96 -0.30
CA LEU B 46 14.84 18.74 -0.59
C LEU B 46 15.39 19.47 0.63
N TYR B 47 16.60 19.13 1.03
CA TYR B 47 17.25 19.80 2.15
C TYR B 47 18.74 19.68 1.91
N PRO B 48 19.29 20.55 1.06
CA PRO B 48 20.71 20.60 0.69
C PRO B 48 21.70 20.46 1.83
N PRO B 49 21.43 21.08 3.00
CA PRO B 49 22.35 20.98 4.13
C PRO B 49 22.63 19.54 4.59
N TRP B 50 21.75 18.61 4.23
CA TRP B 50 21.97 17.21 4.61
C TRP B 50 22.09 16.38 3.34
N ASP B 51 22.34 17.06 2.23
CA ASP B 51 22.49 16.40 0.94
C ASP B 51 21.26 15.61 0.54
N LYS B 52 20.10 16.02 1.03
CA LYS B 52 18.87 15.34 0.68
C LYS B 52 18.20 15.99 -0.54
N ASN B 53 17.91 15.15 -1.53
CA ASN B 53 17.28 15.61 -2.76
C ASN B 53 16.58 14.44 -3.45
N PHE B 54 15.33 14.22 -3.07
CA PHE B 54 14.54 13.11 -3.61
C PHE B 54 13.73 13.48 -4.85
N THR B 55 13.81 12.63 -5.86
CA THR B 55 13.09 12.82 -7.10
C THR B 55 11.83 11.95 -7.16
N GLU B 56 10.98 12.21 -8.15
CA GLU B 56 9.74 11.46 -8.33
C GLU B 56 9.98 9.96 -8.31
N ASN B 57 11.00 9.51 -9.03
CA ASN B 57 11.31 8.09 -9.13
C ASN B 57 11.85 7.43 -7.87
N ASP B 58 12.27 8.23 -6.88
CA ASP B 58 12.81 7.67 -5.64
C ASP B 58 11.76 7.33 -4.59
N LEU B 59 10.53 7.80 -4.81
CA LEU B 59 9.49 7.59 -3.81
C LEU B 59 8.19 6.96 -4.28
N LEU B 60 7.44 6.46 -3.30
CA LEU B 60 6.13 5.87 -3.47
C LEU B 60 5.32 6.55 -2.39
N VAL B 61 4.01 6.53 -2.53
CA VAL B 61 3.12 7.13 -1.54
C VAL B 61 2.14 6.04 -1.11
N ARG B 62 2.02 5.86 0.21
CA ARG B 62 1.11 4.85 0.76
C ARG B 62 -0.05 5.57 1.43
N ILE B 63 -1.25 5.26 0.97
CA ILE B 63 -2.47 5.89 1.45
C ILE B 63 -3.45 4.89 2.08
N GLY B 64 -4.16 5.35 3.11
CA GLY B 64 -5.13 4.52 3.80
C GLY B 64 -4.55 3.59 4.86
N LYS B 65 -3.29 3.81 5.23
CA LYS B 65 -2.65 2.96 6.23
C LYS B 65 -2.99 3.30 7.67
N HIS B 66 -2.76 2.34 8.56
CA HIS B 66 -2.96 2.50 10.00
C HIS B 66 -1.67 1.98 10.64
N SER B 67 -1.30 0.74 10.33
CA SER B 67 -0.07 0.14 10.85
C SER B 67 1.12 0.81 10.18
N ARG B 68 2.20 0.97 10.93
CA ARG B 68 3.38 1.63 10.39
C ARG B 68 4.17 0.80 9.37
N THR B 69 4.22 -0.51 9.56
CA THR B 69 5.02 -1.37 8.69
C THR B 69 4.29 -2.53 8.02
N ARG B 70 3.18 -2.97 8.61
CA ARG B 70 2.42 -4.08 8.03
C ARG B 70 1.73 -3.65 6.71
N TYR B 71 1.86 -4.46 5.67
CA TYR B 71 1.19 -4.15 4.42
C TYR B 71 -0.28 -4.39 4.73
N GLU B 72 -1.16 -3.46 4.38
CA GLU B 72 -2.56 -3.62 4.69
C GLU B 72 -3.46 -3.95 3.49
N ARG B 73 -3.54 -5.26 3.25
CA ARG B 73 -4.31 -5.90 2.18
C ARG B 73 -5.09 -5.01 1.24
N ASN B 74 -6.41 -5.07 1.34
CA ASN B 74 -7.26 -4.28 0.47
C ASN B 74 -7.72 -3.06 1.25
N ILE B 75 -6.78 -2.44 1.94
CA ILE B 75 -7.05 -1.26 2.75
C ILE B 75 -6.18 -0.11 2.25
N GLU B 76 -4.87 -0.31 2.18
CA GLU B 76 -3.98 0.75 1.73
C GLU B 76 -3.86 0.70 0.22
N LYS B 77 -3.47 1.83 -0.35
CA LYS B 77 -3.28 1.95 -1.79
C LYS B 77 -1.88 2.55 -1.97
N ILE B 78 -1.11 1.99 -2.91
CA ILE B 78 0.22 2.48 -3.17
C ILE B 78 0.25 3.18 -4.53
N SER B 79 0.61 4.47 -4.53
CA SER B 79 0.67 5.26 -5.75
C SER B 79 2.08 5.76 -6.08
N MET B 80 2.31 6.02 -7.36
CA MET B 80 3.59 6.54 -7.82
C MET B 80 3.44 8.05 -8.06
N LEU B 81 4.56 8.75 -8.15
CA LEU B 81 4.57 10.18 -8.35
C LEU B 81 4.79 10.57 -9.79
N GLU B 82 3.95 11.46 -10.30
CA GLU B 82 4.07 11.95 -11.65
C GLU B 82 5.01 13.15 -11.60
N LYS B 83 4.78 14.01 -10.62
CA LYS B 83 5.57 15.22 -10.50
C LYS B 83 5.63 15.79 -9.10
N ILE B 84 6.77 16.36 -8.75
CA ILE B 84 6.99 16.99 -7.46
C ILE B 84 7.11 18.49 -7.66
N TYR B 85 6.39 19.27 -6.84
CA TYR B 85 6.45 20.72 -6.95
C TYR B 85 6.82 21.34 -5.59
N ILE B 86 8.01 21.90 -5.51
CA ILE B 86 8.48 22.54 -4.28
C ILE B 86 8.32 24.04 -4.44
N HIS B 87 7.88 24.71 -3.38
CA HIS B 87 7.71 26.15 -3.45
C HIS B 87 9.04 26.75 -3.89
N PRO B 88 9.03 27.56 -4.97
CA PRO B 88 10.19 28.24 -5.56
C PRO B 88 10.98 29.10 -4.59
N ARG B 89 10.32 29.55 -3.53
CA ARG B 89 10.98 30.36 -2.52
C ARG B 89 11.11 29.64 -1.18
N TYR B 90 11.19 28.31 -1.22
CA TYR B 90 11.37 27.52 0.00
C TYR B 90 12.75 27.91 0.52
N ASN B 91 12.83 28.33 1.78
CA ASN B 91 14.10 28.75 2.36
C ASN B 91 14.74 27.66 3.21
N TRP B 92 15.55 26.82 2.59
CA TRP B 92 16.21 25.75 3.33
C TRP B 92 17.46 26.24 4.06
N ARG B 93 18.02 27.36 3.59
CA ARG B 93 19.23 27.91 4.18
C ARG B 93 19.18 28.38 5.64
N GLU B 94 18.02 28.86 6.11
CA GLU B 94 17.95 29.37 7.46
C GLU B 94 16.84 28.91 8.42
N ASN B 95 15.60 28.90 7.95
CA ASN B 95 14.49 28.53 8.82
C ASN B 95 13.35 27.73 8.19
N LEU B 96 13.57 27.19 6.99
CA LEU B 96 12.52 26.41 6.32
C LEU B 96 11.26 27.24 6.09
N ASP B 97 11.44 28.49 5.69
CA ASP B 97 10.31 29.37 5.40
C ASP B 97 9.66 28.77 4.15
N ARG B 98 8.32 28.69 4.15
CA ARG B 98 7.58 28.12 3.02
C ARG B 98 7.97 26.65 2.83
N ASP B 99 7.87 25.88 3.90
CA ASP B 99 8.22 24.47 3.90
C ASP B 99 7.00 23.73 3.35
N ILE B 100 6.91 23.68 2.03
CA ILE B 100 5.77 23.06 1.39
C ILE B 100 6.10 22.54 0.00
N ALA B 101 5.44 21.46 -0.38
CA ALA B 101 5.62 20.85 -1.69
C ALA B 101 4.33 20.11 -2.05
N LEU B 102 3.99 20.09 -3.34
CA LEU B 102 2.80 19.37 -3.78
C LEU B 102 3.28 18.20 -4.59
N MET B 103 2.55 17.09 -4.53
CA MET B 103 2.91 15.90 -5.28
C MET B 103 1.70 15.46 -6.07
N LYS B 104 1.91 15.27 -7.36
CA LYS B 104 0.87 14.85 -8.29
C LYS B 104 0.99 13.34 -8.49
N LEU B 105 -0.07 12.61 -8.16
CA LEU B 105 -0.04 11.16 -8.34
C LEU B 105 -0.09 10.81 -9.81
N LYS B 106 0.56 9.72 -10.19
CA LYS B 106 0.59 9.26 -11.57
C LYS B 106 -0.82 8.88 -12.03
N LYS B 107 -1.61 8.31 -11.13
CA LYS B 107 -2.98 7.93 -11.45
C LYS B 107 -3.88 8.36 -10.31
N PRO B 108 -5.13 8.71 -10.62
CA PRO B 108 -6.04 9.12 -9.56
C PRO B 108 -6.32 7.93 -8.64
N VAL B 109 -6.55 8.20 -7.36
CA VAL B 109 -6.83 7.12 -6.44
C VAL B 109 -8.29 7.15 -6.03
N ALA B 110 -8.86 5.97 -5.84
CA ALA B 110 -10.25 5.84 -5.46
C ALA B 110 -10.40 5.97 -3.94
N PHE B 111 -11.45 6.65 -3.51
CA PHE B 111 -11.70 6.82 -2.09
C PHE B 111 -12.33 5.57 -1.51
N SER B 112 -12.29 5.46 -0.18
CA SER B 112 -12.86 4.32 0.53
C SER B 112 -13.08 4.76 1.96
N ASP B 113 -13.29 3.82 2.86
CA ASP B 113 -13.50 4.17 4.25
C ASP B 113 -12.18 4.66 4.86
N TYR B 114 -11.07 4.21 4.30
CA TYR B 114 -9.74 4.54 4.79
C TYR B 114 -9.02 5.64 4.00
N ILE B 115 -9.55 5.97 2.83
CA ILE B 115 -8.94 6.96 1.98
C ILE B 115 -9.94 8.05 1.57
N HIS B 116 -9.71 9.26 2.08
CA HIS B 116 -10.57 10.40 1.80
C HIS B 116 -9.76 11.68 2.00
N PRO B 117 -9.96 12.67 1.12
CA PRO B 117 -9.23 13.95 1.20
C PRO B 117 -9.70 14.94 2.27
N VAL B 118 -8.75 15.76 2.73
CA VAL B 118 -8.99 16.78 3.74
C VAL B 118 -9.24 18.09 2.98
N CYS B 119 -9.90 19.05 3.63
CA CYS B 119 -10.16 20.34 2.97
C CYS B 119 -9.07 21.38 3.22
N LEU B 120 -8.92 22.29 2.27
CA LEU B 120 -7.97 23.39 2.40
C LEU B 120 -8.82 24.59 2.82
N PRO B 121 -8.38 25.31 3.87
CA PRO B 121 -9.07 26.48 4.40
C PRO B 121 -9.28 27.65 3.44
N ASP B 122 -10.43 28.31 3.60
CA ASP B 122 -10.79 29.48 2.81
C ASP B 122 -10.59 30.68 3.74
N ARG B 123 -10.67 31.88 3.17
CA ARG B 123 -10.48 33.11 3.92
C ARG B 123 -11.18 33.11 5.27
N GLU B 124 -12.50 32.96 5.27
CA GLU B 124 -13.25 32.98 6.51
C GLU B 124 -12.86 31.88 7.47
N THR B 125 -12.66 30.67 6.95
CA THR B 125 -12.28 29.55 7.80
C THR B 125 -10.93 29.80 8.47
N ALA B 126 -9.97 30.30 7.70
CA ALA B 126 -8.64 30.57 8.24
C ALA B 126 -8.76 31.60 9.36
N ALA B 127 -9.28 32.77 9.01
CA ALA B 127 -9.43 33.86 9.97
C ALA B 127 -10.22 33.46 11.20
N SER B 128 -11.17 32.55 11.03
CA SER B 128 -12.00 32.11 12.14
C SER B 128 -11.37 31.06 13.07
N LEU B 129 -10.74 30.04 12.49
CA LEU B 129 -10.14 28.96 13.27
C LEU B 129 -8.72 29.18 13.82
N LEU B 130 -7.92 29.96 13.11
CA LEU B 130 -6.54 30.22 13.55
C LEU B 130 -6.44 31.24 14.68
N GLN B 131 -6.72 30.82 15.90
CA GLN B 131 -6.65 31.69 17.07
C GLN B 131 -5.90 30.96 18.19
N ALA B 132 -5.07 31.69 18.91
CA ALA B 132 -4.32 31.12 20.02
C ALA B 132 -5.34 30.47 20.95
N GLY B 133 -4.98 29.35 21.57
CA GLY B 133 -5.92 28.67 22.45
C GLY B 133 -6.71 27.59 21.74
N TYR B 134 -7.12 27.84 20.50
CA TYR B 134 -7.88 26.84 19.73
C TYR B 134 -7.01 25.63 19.43
N LYS B 135 -7.57 24.44 19.62
CA LYS B 135 -6.82 23.21 19.38
C LYS B 135 -6.98 22.58 18.00
N GLY B 136 -5.85 22.10 17.48
CA GLY B 136 -5.83 21.42 16.21
C GLY B 136 -5.39 20.00 16.48
N ARG B 137 -5.23 19.22 15.42
CA ARG B 137 -4.83 17.82 15.54
C ARG B 137 -3.70 17.48 14.59
N VAL B 138 -2.71 16.76 15.10
CA VAL B 138 -1.56 16.37 14.31
C VAL B 138 -1.46 14.85 14.35
N THR B 139 -1.13 14.26 13.22
CA THR B 139 -1.04 12.82 13.14
C THR B 139 0.26 12.41 12.46
N GLY B 140 0.75 11.21 12.78
CA GLY B 140 1.98 10.78 12.14
C GLY B 140 2.56 9.50 12.69
N TRP B 141 3.50 8.93 11.92
CA TRP B 141 4.19 7.69 12.30
C TRP B 141 5.63 8.02 12.71
N GLY B 142 5.88 9.26 13.08
CA GLY B 142 7.22 9.67 13.46
C GLY B 142 7.63 9.21 14.86
N ASN B 143 8.81 9.62 15.28
CA ASN B 143 9.35 9.24 16.58
C ASN B 143 8.50 9.54 17.82
N LEU B 144 8.58 8.64 18.78
CA LEU B 144 7.85 8.75 20.04
C LEU B 144 8.69 9.46 21.12
N LYS B 145 9.93 9.78 20.76
CA LYS B 145 10.86 10.43 21.69
C LYS B 145 12.04 10.97 20.88
N GLU B 146 12.98 11.64 21.55
CA GLU B 146 14.15 12.13 20.83
C GLU B 146 15.01 10.88 20.69
N THR B 147 15.30 10.47 19.46
CA THR B 147 16.08 9.26 19.26
C THR B 147 17.57 9.47 19.01
N TRP B 148 17.99 10.72 18.88
CA TRP B 148 19.40 11.03 18.64
C TRP B 148 20.21 10.98 19.94
N THR B 149 19.55 10.71 21.05
CA THR B 149 20.23 10.61 22.33
C THR B 149 19.51 9.57 23.19
N ALA B 150 20.28 8.82 23.96
CA ALA B 150 19.74 7.77 24.83
C ALA B 150 18.50 8.22 25.61
N ASN B 151 17.45 7.41 25.54
CA ASN B 151 16.19 7.68 26.22
C ASN B 151 15.40 6.38 26.35
N VAL B 152 14.61 6.28 27.42
CA VAL B 152 13.79 5.08 27.64
C VAL B 152 12.58 5.06 26.72
N GLY B 153 12.12 3.87 26.36
CA GLY B 153 10.94 3.74 25.51
C GLY B 153 11.24 3.44 24.05
N LYS B 154 10.22 3.00 23.33
CA LYS B 154 10.36 2.68 21.92
C LYS B 154 10.55 3.97 21.10
N GLY B 155 11.25 3.83 19.98
CA GLY B 155 11.50 4.98 19.12
C GLY B 155 10.33 5.34 18.23
N GLN B 156 9.76 4.35 17.58
CA GLN B 156 8.61 4.60 16.71
C GLN B 156 7.46 3.66 17.03
N PRO B 157 6.23 4.08 16.70
CA PRO B 157 5.00 3.32 16.95
C PRO B 157 4.72 2.23 15.93
N SER B 158 3.83 1.33 16.29
CA SER B 158 3.43 0.26 15.38
C SER B 158 2.16 0.70 14.65
N VAL B 159 1.53 1.74 15.19
CA VAL B 159 0.28 2.26 14.64
C VAL B 159 0.30 3.79 14.56
N LEU B 160 -0.44 4.36 13.60
CA LEU B 160 -0.54 5.81 13.43
C LEU B 160 -0.86 6.48 14.77
N GLN B 161 -0.19 7.59 15.05
CA GLN B 161 -0.38 8.34 16.29
C GLN B 161 -1.11 9.66 16.07
N VAL B 162 -1.79 10.12 17.12
CA VAL B 162 -2.57 11.35 17.07
C VAL B 162 -2.40 12.15 18.37
N VAL B 163 -2.41 13.47 18.25
CA VAL B 163 -2.30 14.33 19.42
C VAL B 163 -2.98 15.67 19.10
N ASN B 164 -3.71 16.21 20.08
CA ASN B 164 -4.40 17.48 19.90
C ASN B 164 -3.62 18.58 20.61
N LEU B 165 -3.31 19.66 19.89
CA LEU B 165 -2.52 20.74 20.45
C LEU B 165 -3.07 22.13 20.21
N PRO B 166 -2.87 23.05 21.19
CA PRO B 166 -3.35 24.43 21.09
C PRO B 166 -2.44 25.29 20.23
N ILE B 167 -3.05 26.19 19.46
CA ILE B 167 -2.31 27.11 18.63
C ILE B 167 -1.71 28.11 19.62
N VAL B 168 -0.49 28.58 19.36
CA VAL B 168 0.18 29.51 20.25
C VAL B 168 0.32 30.90 19.64
N GLU B 169 0.15 31.93 20.47
CA GLU B 169 0.26 33.32 20.01
C GLU B 169 1.70 33.60 19.55
N ARG B 170 1.81 34.31 18.44
CA ARG B 170 3.12 34.63 17.85
C ARG B 170 4.23 35.09 18.79
N PRO B 171 3.95 36.07 19.66
CA PRO B 171 4.99 36.53 20.59
C PRO B 171 5.59 35.39 21.39
N VAL B 172 4.74 34.51 21.90
CA VAL B 172 5.21 33.38 22.67
C VAL B 172 6.02 32.43 21.77
N CYS B 173 5.57 32.22 20.55
CA CYS B 173 6.32 31.34 19.64
C CYS B 173 7.70 31.94 19.40
N LYS B 174 7.72 33.22 19.08
CA LYS B 174 8.96 33.92 18.78
C LYS B 174 10.04 33.91 19.85
N ASP B 175 9.65 34.15 21.10
CA ASP B 175 10.61 34.20 22.19
C ASP B 175 10.96 32.84 22.78
N SER B 176 10.53 31.77 22.12
CA SER B 176 10.83 30.43 22.60
C SER B 176 11.96 29.81 21.78
N THR B 177 12.37 30.51 20.73
CA THR B 177 13.41 29.98 19.89
C THR B 177 14.31 31.10 19.35
N ARG B 178 15.55 30.73 19.02
CA ARG B 178 16.54 31.66 18.47
C ARG B 178 16.44 31.65 16.96
N ILE B 179 15.67 30.71 16.43
CA ILE B 179 15.48 30.61 14.99
C ILE B 179 14.49 31.70 14.57
N ARG B 180 14.76 32.36 13.45
CA ARG B 180 13.90 33.44 12.95
C ARG B 180 12.59 32.91 12.35
N ILE B 181 11.45 33.32 12.94
CA ILE B 181 10.13 32.90 12.49
C ILE B 181 9.56 33.84 11.43
N THR B 182 8.63 33.35 10.61
CA THR B 182 8.01 34.20 9.59
C THR B 182 6.49 34.08 9.69
N ASP B 183 5.79 34.87 8.91
CA ASP B 183 4.34 34.84 8.91
C ASP B 183 3.88 33.56 8.23
N ASN B 184 4.78 32.90 7.53
CA ASN B 184 4.47 31.68 6.82
C ASN B 184 4.53 30.42 7.67
N MET B 185 4.50 30.59 8.99
CA MET B 185 4.52 29.46 9.90
C MET B 185 3.83 29.85 11.20
N PHE B 186 3.49 28.86 12.02
CA PHE B 186 2.86 29.12 13.31
C PHE B 186 3.30 27.98 14.21
N CYS B 187 3.08 28.13 15.51
CA CYS B 187 3.51 27.09 16.42
C CYS B 187 2.38 26.69 17.33
N ALA B 188 2.47 25.48 17.86
CA ALA B 188 1.44 24.97 18.74
C ALA B 188 2.05 24.05 19.77
N GLY B 189 1.31 23.82 20.84
CA GLY B 189 1.78 22.98 21.92
C GLY B 189 1.37 23.59 23.24
N TYR B 190 1.39 22.80 24.31
CA TYR B 190 1.00 23.28 25.63
C TYR B 190 2.12 24.06 26.31
N LYS B 191 1.75 25.19 26.92
CA LYS B 191 2.70 26.04 27.63
C LYS B 191 3.14 25.36 28.93
N PRO B 192 4.29 25.77 29.48
CA PRO B 192 4.84 25.21 30.71
C PRO B 192 3.87 25.16 31.88
N ASP B 193 2.90 26.07 31.91
CA ASP B 193 1.93 26.12 32.99
C ASP B 193 0.57 25.48 32.70
N GLU B 194 0.47 24.68 31.64
CA GLU B 194 -0.80 24.05 31.32
C GLU B 194 -0.89 22.59 31.73
N GLY B 195 0.25 21.94 31.93
CA GLY B 195 0.23 20.56 32.36
C GLY B 195 0.27 19.47 31.29
N LYS B 196 -0.69 19.48 30.36
CA LYS B 196 -0.71 18.48 29.31
C LYS B 196 0.54 18.63 28.43
N ARG B 197 0.90 17.54 27.74
CA ARG B 197 2.08 17.55 26.86
C ARG B 197 1.67 17.11 25.45
N GLY B 198 2.66 16.95 24.56
CA GLY B 198 2.36 16.53 23.20
C GLY B 198 3.08 17.35 22.16
N ASP B 199 3.58 16.69 21.11
CA ASP B 199 4.30 17.41 20.06
C ASP B 199 4.57 16.48 18.89
N ALA B 200 4.95 17.06 17.76
CA ALA B 200 5.32 16.25 16.60
C ALA B 200 6.77 15.95 16.90
N CYS B 201 7.44 15.23 16.02
CA CYS B 201 8.84 14.92 16.26
C CYS B 201 9.41 14.53 14.92
N GLU B 202 10.68 14.13 14.90
CA GLU B 202 11.32 13.73 13.65
C GLU B 202 10.44 12.60 13.08
N GLY B 203 10.36 12.54 11.76
CA GLY B 203 9.54 11.54 11.09
C GLY B 203 8.12 12.00 10.87
N ASP B 204 7.68 13.06 11.55
CA ASP B 204 6.31 13.55 11.39
C ASP B 204 6.10 14.67 10.36
N SER B 205 7.18 15.23 9.82
CA SER B 205 7.04 16.30 8.81
C SER B 205 6.20 15.89 7.60
N GLY B 206 5.47 16.86 7.07
CA GLY B 206 4.61 16.60 5.92
C GLY B 206 3.24 16.27 6.47
N GLY B 207 3.21 15.73 7.68
CA GLY B 207 1.96 15.38 8.33
C GLY B 207 1.08 16.60 8.47
N PRO B 208 -0.24 16.44 8.54
CA PRO B 208 -1.10 17.60 8.65
C PRO B 208 -1.55 17.99 10.06
N PHE B 209 -1.75 19.29 10.23
CA PHE B 209 -2.25 19.85 11.47
C PHE B 209 -3.66 20.22 11.00
N VAL B 210 -4.67 19.53 11.52
CA VAL B 210 -6.05 19.78 11.09
C VAL B 210 -6.98 20.28 12.19
N MET B 211 -8.03 20.97 11.77
CA MET B 211 -9.03 21.50 12.70
C MET B 211 -10.43 21.25 12.14
N LYS B 212 -11.40 20.97 13.01
CA LYS B 212 -12.76 20.76 12.56
C LYS B 212 -13.58 22.05 12.65
N SER B 213 -14.22 22.43 11.55
CA SER B 213 -15.05 23.63 11.52
C SER B 213 -16.38 23.43 12.21
N PRO B 214 -16.63 24.15 13.31
CA PRO B 214 -17.88 24.03 14.07
C PRO B 214 -19.07 24.45 13.22
N PHE B 215 -18.77 25.12 12.11
CA PHE B 215 -19.78 25.61 11.20
C PHE B 215 -20.33 24.54 10.27
N ASN B 216 -19.48 24.02 9.37
CA ASN B 216 -19.94 23.00 8.43
C ASN B 216 -19.54 21.56 8.80
N ASN B 217 -18.89 21.37 9.94
CA ASN B 217 -18.50 20.03 10.39
C ASN B 217 -17.41 19.36 9.53
N ARG B 218 -16.72 20.14 8.70
CA ARG B 218 -15.66 19.58 7.85
C ARG B 218 -14.28 19.76 8.48
N TRP B 219 -13.34 18.89 8.11
CA TRP B 219 -11.98 18.99 8.62
C TRP B 219 -11.14 19.75 7.62
N TYR B 220 -10.40 20.73 8.10
CA TYR B 220 -9.54 21.54 7.23
C TYR B 220 -8.08 21.40 7.67
N GLN B 221 -7.17 21.40 6.70
CA GLN B 221 -5.77 21.32 7.03
C GLN B 221 -5.20 22.73 7.12
N MET B 222 -4.89 23.14 8.34
CA MET B 222 -4.35 24.46 8.61
C MET B 222 -2.81 24.47 8.54
N GLY B 223 -2.17 23.36 8.90
CA GLY B 223 -0.71 23.32 8.85
C GLY B 223 -0.05 22.05 8.35
N ILE B 224 1.27 22.11 8.23
CA ILE B 224 2.11 20.99 7.80
C ILE B 224 3.25 20.91 8.83
N VAL B 225 3.46 19.74 9.46
CA VAL B 225 4.55 19.60 10.42
C VAL B 225 5.82 20.04 9.71
N SER B 226 6.50 21.04 10.26
CA SER B 226 7.69 21.56 9.63
C SER B 226 8.97 21.41 10.44
N TRP B 227 9.00 21.96 11.64
CA TRP B 227 10.20 21.85 12.47
C TRP B 227 9.97 22.09 13.95
N GLY B 228 11.05 21.92 14.70
CA GLY B 228 11.02 22.11 16.14
C GLY B 228 12.44 21.95 16.65
N GLU B 229 12.63 22.01 17.96
CA GLU B 229 13.95 21.84 18.56
C GLU B 229 13.74 20.84 19.68
N GLY B 230 14.12 19.60 19.41
CA GLY B 230 13.91 18.53 20.38
C GLY B 230 12.43 18.19 20.20
N CYS B 231 11.88 17.38 21.07
CA CYS B 231 10.48 17.04 20.96
C CYS B 231 9.80 17.09 22.31
N ASP B 232 8.71 17.85 22.40
CA ASP B 232 7.95 17.95 23.63
C ASP B 232 8.76 18.50 24.82
N ARG B 233 9.75 19.35 24.54
CA ARG B 233 10.56 19.93 25.61
C ARG B 233 9.84 21.17 26.15
N ASP B 234 9.92 21.38 27.47
CA ASP B 234 9.24 22.51 28.11
C ASP B 234 9.68 23.84 27.56
N GLY B 235 8.72 24.72 27.32
CA GLY B 235 9.02 26.03 26.78
C GLY B 235 9.32 26.04 25.30
N LYS B 236 9.22 24.86 24.67
CA LYS B 236 9.46 24.75 23.24
C LYS B 236 8.15 24.43 22.53
N TYR B 237 8.06 24.77 21.26
CA TYR B 237 6.84 24.51 20.51
C TYR B 237 7.14 23.97 19.13
N GLY B 238 6.22 23.17 18.61
CA GLY B 238 6.41 22.63 17.28
C GLY B 238 5.97 23.69 16.29
N PHE B 239 6.68 23.83 15.18
CA PHE B 239 6.32 24.81 14.17
C PHE B 239 5.75 24.15 12.93
N TYR B 240 4.76 24.83 12.33
CA TYR B 240 4.06 24.32 11.16
C TYR B 240 3.98 25.30 10.01
N THR B 241 4.01 24.77 8.78
CA THR B 241 3.91 25.61 7.60
C THR B 241 2.46 26.13 7.59
N HIS B 242 2.31 27.45 7.43
CA HIS B 242 0.99 28.08 7.41
C HIS B 242 0.40 27.87 6.01
N VAL B 243 -0.48 26.88 5.88
CA VAL B 243 -1.08 26.55 4.58
C VAL B 243 -1.85 27.67 3.91
N PHE B 244 -2.75 28.31 4.64
CA PHE B 244 -3.55 29.38 4.06
C PHE B 244 -2.71 30.49 3.43
N ARG B 245 -1.65 30.91 4.10
CA ARG B 245 -0.80 31.96 3.55
C ARG B 245 -0.14 31.60 2.23
N LEU B 246 -0.05 30.31 1.93
CA LEU B 246 0.59 29.86 0.69
C LEU B 246 -0.48 29.38 -0.31
N LYS B 247 -1.73 29.63 0.04
CA LYS B 247 -2.89 29.25 -0.76
C LYS B 247 -2.78 29.66 -2.24
N LYS B 248 -2.29 30.87 -2.50
CA LYS B 248 -2.17 31.31 -3.90
C LYS B 248 -1.21 30.47 -4.71
N TRP B 249 -0.07 30.10 -4.12
CA TRP B 249 0.89 29.27 -4.85
C TRP B 249 0.30 27.87 -5.03
N ILE B 250 -0.41 27.38 -4.02
CA ILE B 250 -1.01 26.06 -4.12
C ILE B 250 -2.01 25.99 -5.29
N GLN B 251 -2.94 26.94 -5.35
CA GLN B 251 -3.94 26.97 -6.42
C GLN B 251 -3.30 27.07 -7.79
N LYS B 252 -2.29 27.92 -7.90
CA LYS B 252 -1.58 28.13 -9.16
C LYS B 252 -0.99 26.86 -9.76
N VAL B 253 -0.39 25.99 -8.94
CA VAL B 253 0.18 24.78 -9.52
C VAL B 253 -0.92 23.74 -9.70
N ILE B 254 -1.80 23.63 -8.72
CA ILE B 254 -2.91 22.69 -8.79
C ILE B 254 -3.73 22.89 -10.08
N ASP B 255 -4.19 24.11 -10.31
CA ASP B 255 -4.99 24.37 -11.51
C ASP B 255 -4.19 24.72 -12.77
N GLN B 256 -2.86 24.63 -12.69
CA GLN B 256 -1.99 24.98 -13.82
C GLN B 256 -2.20 24.21 -15.12
N PHE B 257 -2.33 22.88 -15.04
CA PHE B 257 -2.52 22.07 -16.25
C PHE B 257 -3.88 21.40 -16.23
N GLY B 258 -4.45 21.22 -17.43
CA GLY B 258 -5.76 20.62 -17.60
C GLY B 258 -6.04 19.33 -16.87
N GLU B 259 -7.00 19.40 -15.94
CA GLU B 259 -7.50 18.30 -15.10
C GLU B 259 -7.36 18.62 -13.62
N PHE C 1 15.56 20.27 14.92
CA PHE C 1 15.21 21.37 13.97
C PHE C 1 14.28 20.88 12.84
N PRO C 2 14.80 20.54 11.64
CA PRO C 2 13.86 20.08 10.59
C PRO C 2 13.20 18.75 10.96
N ARG C 3 11.89 18.65 10.77
CA ARG C 3 11.24 17.39 11.11
C ARG C 3 10.83 16.53 9.91
N HIS D 1 -30.40 -33.14 -5.11
CA HIS D 1 -30.57 -33.16 -3.63
C HIS D 1 -30.34 -34.58 -3.10
N PRO D 2 -30.97 -35.59 -3.72
CA PRO D 2 -30.80 -36.98 -3.27
C PRO D 2 -29.37 -37.50 -3.42
N ILE D 3 -28.56 -36.80 -4.22
CA ILE D 3 -27.18 -37.19 -4.46
C ILE D 3 -26.18 -36.31 -3.70
N CYS D 4 -26.32 -35.01 -3.87
CA CYS D 4 -25.44 -34.04 -3.22
C CYS D 4 -26.13 -33.40 -2.01
N GLU D 5 -25.37 -32.62 -1.24
CA GLU D 5 -25.91 -31.93 -0.07
C GLU D 5 -26.26 -30.51 -0.47
N VAL D 6 -27.38 -29.99 0.05
CA VAL D 6 -27.79 -28.63 -0.28
C VAL D 6 -28.00 -27.78 0.96
N SER D 7 -27.54 -26.53 0.90
CA SER D 7 -27.68 -25.60 2.01
C SER D 7 -27.87 -24.17 1.51
N LYS D 8 -28.61 -23.38 2.29
CA LYS D 8 -28.88 -21.99 1.95
C LYS D 8 -28.67 -21.08 3.15
N VAL D 9 -28.45 -19.79 2.87
CA VAL D 9 -28.25 -18.76 3.88
C VAL D 9 -27.72 -17.54 3.16
N ALA D 10 -28.09 -16.35 3.62
CA ALA D 10 -27.64 -15.12 2.98
C ALA D 10 -28.22 -15.09 1.57
N SER D 11 -29.03 -16.10 1.26
CA SER D 11 -29.70 -16.26 -0.02
C SER D 11 -28.91 -17.05 -1.06
N HIS D 12 -27.66 -17.37 -0.76
CA HIS D 12 -26.80 -18.13 -1.69
C HIS D 12 -26.94 -19.64 -1.46
N LEU D 13 -27.10 -20.40 -2.53
CA LEU D 13 -27.21 -21.85 -2.44
C LEU D 13 -25.84 -22.51 -2.68
N GLU D 14 -25.51 -23.49 -1.85
CA GLU D 14 -24.23 -24.19 -1.97
C GLU D 14 -24.43 -25.70 -2.02
N VAL D 15 -24.21 -26.29 -3.19
CA VAL D 15 -24.34 -27.73 -3.40
C VAL D 15 -23.00 -28.43 -3.31
N ASN D 16 -22.95 -29.55 -2.58
CA ASN D 16 -21.71 -30.31 -2.42
C ASN D 16 -21.80 -31.74 -2.94
N CYS D 17 -21.21 -32.00 -4.11
CA CYS D 17 -21.23 -33.33 -4.71
C CYS D 17 -19.86 -34.02 -4.66
N ASP D 18 -19.05 -33.67 -3.68
CA ASP D 18 -17.72 -34.26 -3.54
C ASP D 18 -17.71 -35.76 -3.33
N LYS D 19 -16.70 -36.42 -3.90
CA LYS D 19 -16.51 -37.86 -3.78
C LYS D 19 -17.77 -38.72 -3.98
N ARG D 20 -18.48 -38.51 -5.08
CA ARG D 20 -19.69 -39.28 -5.32
C ARG D 20 -19.62 -40.07 -6.63
N ASN D 21 -18.40 -40.42 -7.03
CA ASN D 21 -18.16 -41.18 -8.25
C ASN D 21 -18.99 -40.70 -9.44
N LEU D 22 -19.08 -39.37 -9.57
CA LEU D 22 -19.84 -38.79 -10.66
C LEU D 22 -18.97 -38.65 -11.91
N THR D 23 -19.59 -38.84 -13.08
CA THR D 23 -18.90 -38.71 -14.36
C THR D 23 -19.54 -37.55 -15.12
N ALA D 24 -20.52 -36.93 -14.48
CA ALA D 24 -21.23 -35.79 -15.04
C ALA D 24 -22.02 -35.14 -13.93
N LEU D 25 -22.52 -33.94 -14.17
CA LEU D 25 -23.28 -33.23 -13.14
C LEU D 25 -24.61 -33.91 -12.84
N PRO D 26 -24.89 -34.14 -11.55
CA PRO D 26 -26.10 -34.79 -11.04
C PRO D 26 -27.40 -34.26 -11.64
N PRO D 27 -28.51 -34.97 -11.41
CA PRO D 27 -29.85 -34.62 -11.89
C PRO D 27 -30.37 -33.31 -11.30
N ASP D 28 -30.55 -32.32 -12.17
CA ASP D 28 -31.05 -31.00 -11.82
C ASP D 28 -30.90 -30.57 -10.35
N LEU D 29 -30.00 -29.62 -10.12
CA LEU D 29 -29.74 -29.07 -8.79
C LEU D 29 -30.45 -27.73 -8.70
N PRO D 30 -30.55 -27.16 -7.48
CA PRO D 30 -31.21 -25.86 -7.30
C PRO D 30 -30.81 -24.84 -8.37
N LYS D 31 -31.79 -24.30 -9.08
CA LYS D 31 -31.54 -23.32 -10.12
C LYS D 31 -30.84 -22.09 -9.55
N ASP D 32 -30.97 -21.90 -8.24
CA ASP D 32 -30.34 -20.76 -7.58
C ASP D 32 -29.11 -21.17 -6.76
N THR D 33 -28.33 -22.09 -7.30
CA THR D 33 -27.11 -22.53 -6.63
C THR D 33 -26.00 -21.54 -6.96
N THR D 34 -25.26 -21.13 -5.94
CA THR D 34 -24.17 -20.18 -6.12
C THR D 34 -22.82 -20.87 -6.04
N ILE D 35 -22.72 -21.81 -5.10
CA ILE D 35 -21.49 -22.56 -4.89
C ILE D 35 -21.72 -24.00 -5.34
N LEU D 36 -20.78 -24.53 -6.12
CA LEU D 36 -20.88 -25.91 -6.60
C LEU D 36 -19.56 -26.65 -6.37
N HIS D 37 -19.61 -27.68 -5.53
CA HIS D 37 -18.43 -28.48 -5.22
C HIS D 37 -18.50 -29.84 -5.91
N LEU D 38 -17.75 -30.00 -7.00
CA LEU D 38 -17.72 -31.26 -7.74
C LEU D 38 -16.36 -31.93 -7.60
N SER D 39 -15.71 -31.74 -6.47
CA SER D 39 -14.40 -32.30 -6.23
C SER D 39 -14.34 -33.81 -6.06
N GLU D 40 -13.18 -34.36 -6.39
CA GLU D 40 -12.89 -35.77 -6.28
C GLU D 40 -13.83 -36.73 -7.01
N ASN D 41 -14.41 -36.27 -8.11
CA ASN D 41 -15.29 -37.14 -8.89
C ASN D 41 -14.50 -37.77 -10.03
N LEU D 42 -15.20 -38.25 -11.05
CA LEU D 42 -14.57 -38.89 -12.19
C LEU D 42 -14.91 -38.15 -13.47
N LEU D 43 -14.66 -36.84 -13.47
CA LEU D 43 -14.96 -35.99 -14.61
C LEU D 43 -13.78 -35.88 -15.56
N TYR D 44 -13.45 -36.99 -16.21
CA TYR D 44 -12.34 -37.01 -17.16
C TYR D 44 -12.58 -35.93 -18.21
N THR D 45 -13.85 -35.74 -18.56
CA THR D 45 -14.24 -34.72 -19.52
C THR D 45 -15.38 -33.92 -18.91
N PHE D 46 -15.36 -32.60 -19.09
CA PHE D 46 -16.42 -31.77 -18.54
C PHE D 46 -16.79 -30.60 -19.45
N SER D 47 -18.09 -30.40 -19.64
CA SER D 47 -18.61 -29.33 -20.47
C SER D 47 -19.19 -28.20 -19.62
N LEU D 48 -18.63 -27.00 -19.78
CA LEU D 48 -19.10 -25.84 -19.03
C LEU D 48 -20.54 -25.52 -19.37
N ALA D 49 -20.88 -25.65 -20.65
CA ALA D 49 -22.22 -25.36 -21.12
C ALA D 49 -23.27 -26.14 -20.34
N THR D 50 -22.84 -27.22 -19.69
CA THR D 50 -23.75 -28.05 -18.91
C THR D 50 -24.18 -27.34 -17.63
N LEU D 51 -23.56 -26.20 -17.36
CA LEU D 51 -23.89 -25.43 -16.17
C LEU D 51 -24.63 -24.15 -16.59
N MET D 52 -24.75 -23.96 -17.90
CA MET D 52 -25.42 -22.80 -18.48
C MET D 52 -26.51 -22.28 -17.56
N PRO D 53 -27.40 -23.15 -17.07
CA PRO D 53 -28.45 -22.67 -16.17
C PRO D 53 -27.79 -22.19 -14.88
N TYR D 54 -28.45 -22.38 -13.75
CA TYR D 54 -27.88 -21.97 -12.46
C TYR D 54 -27.16 -20.63 -12.63
N THR D 55 -27.84 -19.66 -13.23
CA THR D 55 -27.27 -18.34 -13.48
C THR D 55 -26.78 -17.57 -12.27
N ARG D 56 -26.79 -18.20 -11.09
CA ARG D 56 -26.32 -17.54 -9.89
C ARG D 56 -25.07 -18.24 -9.34
N LEU D 57 -24.45 -19.06 -10.19
CA LEU D 57 -23.26 -19.80 -9.80
C LEU D 57 -22.05 -18.89 -9.85
N THR D 58 -21.37 -18.77 -8.71
CA THR D 58 -20.19 -17.91 -8.62
C THR D 58 -18.89 -18.69 -8.33
N GLN D 59 -18.99 -19.77 -7.57
CA GLN D 59 -17.83 -20.58 -7.23
C GLN D 59 -17.95 -22.03 -7.71
N LEU D 60 -17.00 -22.47 -8.53
CA LEU D 60 -17.01 -23.82 -9.07
C LEU D 60 -15.73 -24.60 -8.74
N ASN D 61 -15.89 -25.72 -8.05
CA ASN D 61 -14.76 -26.56 -7.66
C ASN D 61 -14.72 -27.90 -8.42
N LEU D 62 -13.81 -28.01 -9.37
CA LEU D 62 -13.65 -29.22 -10.18
C LEU D 62 -12.26 -29.81 -9.97
N ASP D 63 -11.76 -29.70 -8.75
CA ASP D 63 -10.43 -30.20 -8.44
C ASP D 63 -10.43 -31.68 -8.09
N ARG D 64 -9.27 -32.30 -8.22
CA ARG D 64 -9.09 -33.70 -7.89
C ARG D 64 -10.10 -34.66 -8.54
N ALA D 65 -10.60 -34.30 -9.72
CA ALA D 65 -11.57 -35.13 -10.43
C ALA D 65 -10.97 -35.65 -11.74
N GLU D 66 -9.64 -35.73 -11.77
CA GLU D 66 -8.87 -36.15 -12.94
C GLU D 66 -9.47 -35.74 -14.28
N LEU D 67 -9.57 -34.43 -14.45
CA LEU D 67 -10.10 -33.83 -15.68
C LEU D 67 -8.93 -33.61 -16.62
N THR D 68 -9.08 -34.03 -17.89
CA THR D 68 -8.03 -33.83 -18.87
C THR D 68 -8.58 -33.00 -20.02
N LYS D 69 -9.89 -32.92 -20.10
CA LYS D 69 -10.52 -32.13 -21.15
C LYS D 69 -11.70 -31.33 -20.60
N LEU D 70 -11.53 -30.01 -20.61
CA LEU D 70 -12.59 -29.12 -20.15
C LEU D 70 -13.15 -28.47 -21.41
N GLN D 71 -14.44 -28.66 -21.64
CA GLN D 71 -15.08 -28.07 -22.81
C GLN D 71 -15.64 -26.71 -22.42
N VAL D 72 -14.99 -25.66 -22.91
CA VAL D 72 -15.42 -24.30 -22.63
C VAL D 72 -16.48 -23.94 -23.67
N ASP D 73 -17.74 -23.98 -23.26
CA ASP D 73 -18.83 -23.71 -24.18
C ASP D 73 -19.67 -22.49 -23.80
N GLY D 74 -20.72 -22.74 -23.01
CA GLY D 74 -21.61 -21.68 -22.59
C GLY D 74 -20.94 -20.51 -21.90
N THR D 75 -21.65 -19.90 -20.97
CA THR D 75 -21.11 -18.77 -20.24
C THR D 75 -21.60 -18.78 -18.80
N LEU D 76 -20.78 -18.22 -17.90
CA LEU D 76 -21.11 -18.15 -16.49
C LEU D 76 -20.71 -16.74 -16.04
N PRO D 77 -21.41 -15.72 -16.55
CA PRO D 77 -21.21 -14.29 -16.27
C PRO D 77 -21.03 -13.92 -14.80
N VAL D 78 -21.36 -14.83 -13.90
CA VAL D 78 -21.24 -14.55 -12.47
C VAL D 78 -20.21 -15.44 -11.76
N LEU D 79 -19.60 -16.36 -12.50
CA LEU D 79 -18.61 -17.23 -11.90
C LEU D 79 -17.39 -16.42 -11.51
N GLY D 80 -17.04 -16.43 -10.23
CA GLY D 80 -15.89 -15.68 -9.77
C GLY D 80 -14.67 -16.55 -9.49
N THR D 81 -14.91 -17.67 -8.82
CA THR D 81 -13.85 -18.60 -8.46
C THR D 81 -13.93 -19.88 -9.30
N LEU D 82 -12.77 -20.36 -9.72
CA LEU D 82 -12.70 -21.59 -10.52
C LEU D 82 -11.46 -22.40 -10.14
N ASP D 83 -11.69 -23.48 -9.39
CA ASP D 83 -10.61 -24.36 -8.97
C ASP D 83 -10.52 -25.56 -9.93
N LEU D 84 -9.39 -25.67 -10.62
CA LEU D 84 -9.16 -26.76 -11.57
C LEU D 84 -7.91 -27.51 -11.17
N SER D 85 -7.43 -27.24 -9.95
CA SER D 85 -6.21 -27.85 -9.44
C SER D 85 -6.24 -29.36 -9.23
N HIS D 86 -5.05 -29.96 -9.26
CA HIS D 86 -4.92 -31.39 -9.05
C HIS D 86 -5.68 -32.21 -10.09
N ASN D 87 -5.55 -31.81 -11.34
CA ASN D 87 -6.19 -32.52 -12.43
C ASN D 87 -5.16 -32.96 -13.46
N GLN D 88 -5.62 -33.32 -14.65
CA GLN D 88 -4.72 -33.79 -15.69
C GLN D 88 -4.70 -32.92 -16.95
N LEU D 89 -4.98 -31.64 -16.81
CA LEU D 89 -4.97 -30.76 -17.97
C LEU D 89 -3.54 -30.65 -18.52
N GLN D 90 -3.41 -30.74 -19.84
CA GLN D 90 -2.10 -30.66 -20.50
C GLN D 90 -2.03 -29.35 -21.27
N SER D 91 -3.17 -28.72 -21.42
CA SER D 91 -3.25 -27.45 -22.12
C SER D 91 -4.17 -26.55 -21.29
N LEU D 92 -3.74 -25.31 -21.09
CA LEU D 92 -4.53 -24.35 -20.33
C LEU D 92 -5.80 -23.99 -21.09
N PRO D 93 -6.96 -24.10 -20.41
CA PRO D 93 -8.26 -23.78 -21.03
C PRO D 93 -8.43 -22.28 -21.26
N LEU D 94 -8.92 -21.89 -22.43
CA LEU D 94 -9.15 -20.49 -22.74
C LEU D 94 -10.50 -20.09 -22.15
N LEU D 95 -10.47 -19.45 -20.98
CA LEU D 95 -11.68 -19.05 -20.29
C LEU D 95 -12.05 -17.59 -20.50
N GLY D 96 -11.33 -16.91 -21.38
CA GLY D 96 -11.59 -15.50 -21.63
C GLY D 96 -13.03 -15.12 -21.87
N GLN D 97 -13.48 -15.32 -23.11
CA GLN D 97 -14.84 -14.98 -23.52
C GLN D 97 -15.96 -15.71 -22.77
N THR D 98 -15.63 -16.80 -22.07
CA THR D 98 -16.64 -17.56 -21.35
C THR D 98 -16.85 -17.14 -19.90
N LEU D 99 -15.77 -16.83 -19.20
CA LEU D 99 -15.86 -16.43 -17.79
C LEU D 99 -15.30 -15.02 -17.57
N PRO D 100 -16.11 -13.99 -17.87
CA PRO D 100 -15.74 -12.59 -17.73
C PRO D 100 -15.63 -12.04 -16.30
N ALA D 101 -16.44 -12.56 -15.39
CA ALA D 101 -16.41 -12.08 -14.00
C ALA D 101 -15.49 -12.91 -13.12
N LEU D 102 -14.62 -13.70 -13.74
CA LEU D 102 -13.71 -14.56 -13.00
C LEU D 102 -12.60 -13.72 -12.37
N THR D 103 -12.37 -13.94 -11.08
CA THR D 103 -11.35 -13.21 -10.37
C THR D 103 -10.28 -14.13 -9.76
N VAL D 104 -10.64 -15.39 -9.52
CA VAL D 104 -9.72 -16.37 -8.95
C VAL D 104 -9.64 -17.63 -9.81
N LEU D 105 -8.47 -17.87 -10.37
CA LEU D 105 -8.27 -19.04 -11.21
C LEU D 105 -7.13 -19.90 -10.69
N ASP D 106 -7.43 -21.16 -10.40
CA ASP D 106 -6.43 -22.06 -9.89
C ASP D 106 -6.34 -23.30 -10.77
N VAL D 107 -5.25 -23.40 -11.53
CA VAL D 107 -5.02 -24.53 -12.41
C VAL D 107 -3.72 -25.18 -11.96
N SER D 108 -3.53 -25.18 -10.64
CA SER D 108 -2.35 -25.73 -10.00
C SER D 108 -2.30 -27.26 -10.06
N PHE D 109 -1.08 -27.81 -10.03
CA PHE D 109 -0.88 -29.25 -10.07
C PHE D 109 -1.59 -29.98 -11.21
N ASN D 110 -1.32 -29.55 -12.44
CA ASN D 110 -1.89 -30.20 -13.61
C ASN D 110 -0.73 -30.69 -14.45
N ARG D 111 -0.82 -30.62 -15.77
CA ARG D 111 0.27 -31.10 -16.61
C ARG D 111 0.66 -30.08 -17.67
N LEU D 112 0.60 -28.82 -17.29
CA LEU D 112 0.95 -27.71 -18.17
C LEU D 112 2.46 -27.67 -18.34
N THR D 113 2.90 -27.47 -19.58
CA THR D 113 4.32 -27.40 -19.90
C THR D 113 4.64 -26.05 -20.56
N SER D 114 3.59 -25.34 -20.95
CA SER D 114 3.73 -24.02 -21.56
C SER D 114 2.35 -23.36 -21.57
N LEU D 115 2.31 -22.05 -21.80
CA LEU D 115 1.04 -21.33 -21.84
C LEU D 115 0.78 -20.72 -23.21
N PRO D 116 -0.48 -20.76 -23.68
CA PRO D 116 -0.90 -20.23 -24.98
C PRO D 116 -0.43 -18.82 -25.25
N LEU D 117 -0.68 -18.34 -26.46
CA LEU D 117 -0.29 -16.99 -26.85
C LEU D 117 -1.10 -15.96 -26.07
N GLY D 118 -2.42 -15.93 -26.30
CA GLY D 118 -3.27 -14.99 -25.60
C GLY D 118 -4.00 -15.70 -24.47
N ALA D 119 -3.26 -16.54 -23.77
CA ALA D 119 -3.74 -17.36 -22.67
C ALA D 119 -4.83 -16.79 -21.77
N LEU D 120 -4.64 -15.55 -21.30
CA LEU D 120 -5.62 -14.96 -20.38
C LEU D 120 -6.52 -13.87 -20.99
N ARG D 121 -6.44 -13.68 -22.30
CA ARG D 121 -7.25 -12.68 -22.98
C ARG D 121 -8.70 -12.65 -22.47
N GLY D 122 -9.16 -11.47 -22.07
CA GLY D 122 -10.52 -11.33 -21.60
C GLY D 122 -10.83 -11.55 -20.14
N LEU D 123 -9.82 -11.75 -19.30
CA LEU D 123 -10.03 -11.96 -17.87
C LEU D 123 -9.63 -10.73 -17.04
N GLY D 124 -9.94 -9.55 -17.57
CA GLY D 124 -9.61 -8.31 -16.90
C GLY D 124 -9.90 -8.19 -15.42
N GLU D 125 -10.77 -9.04 -14.89
CA GLU D 125 -11.10 -8.99 -13.46
C GLU D 125 -10.29 -9.94 -12.58
N LEU D 126 -9.34 -10.65 -13.19
CA LEU D 126 -8.54 -11.62 -12.46
C LEU D 126 -7.69 -11.00 -11.36
N GLN D 127 -7.79 -11.57 -10.16
CA GLN D 127 -7.05 -11.09 -9.00
C GLN D 127 -6.00 -12.10 -8.53
N GLU D 128 -6.29 -13.38 -8.73
CA GLU D 128 -5.38 -14.45 -8.31
C GLU D 128 -5.23 -15.56 -9.34
N LEU D 129 -3.99 -15.83 -9.71
CA LEU D 129 -3.68 -16.88 -10.68
C LEU D 129 -2.74 -17.89 -10.03
N TYR D 130 -3.19 -19.15 -9.94
CA TYR D 130 -2.38 -20.21 -9.35
C TYR D 130 -1.99 -21.25 -10.40
N LEU D 131 -0.69 -21.39 -10.63
CA LEU D 131 -0.16 -22.35 -11.61
C LEU D 131 0.97 -23.16 -11.00
N LYS D 132 0.95 -23.27 -9.68
CA LYS D 132 1.96 -24.03 -8.95
C LYS D 132 1.88 -25.52 -9.28
N GLY D 133 3.02 -26.19 -9.20
CA GLY D 133 3.04 -27.62 -9.45
C GLY D 133 2.86 -28.12 -10.87
N ASN D 134 3.10 -27.29 -11.86
CA ASN D 134 2.99 -27.74 -13.24
C ASN D 134 4.41 -27.95 -13.75
N GLU D 135 4.61 -27.87 -15.05
CA GLU D 135 5.97 -28.04 -15.59
C GLU D 135 6.28 -26.98 -16.63
N LEU D 136 5.90 -25.75 -16.34
CA LEU D 136 6.17 -24.65 -17.25
C LEU D 136 7.67 -24.42 -17.23
N LYS D 137 8.25 -24.21 -18.40
CA LYS D 137 9.69 -23.99 -18.50
C LYS D 137 9.95 -22.52 -18.80
N THR D 138 9.03 -21.91 -19.54
CA THR D 138 9.14 -20.50 -19.90
C THR D 138 7.75 -19.89 -19.95
N LEU D 139 7.66 -18.63 -19.54
CA LEU D 139 6.38 -17.94 -19.56
C LEU D 139 6.39 -17.05 -20.79
N PRO D 140 5.24 -16.91 -21.45
CA PRO D 140 5.17 -16.06 -22.64
C PRO D 140 5.14 -14.57 -22.31
N PRO D 141 5.69 -13.74 -23.21
CA PRO D 141 5.70 -12.28 -23.01
C PRO D 141 4.30 -11.70 -23.12
N GLY D 142 3.89 -10.92 -22.12
CA GLY D 142 2.57 -10.32 -22.14
C GLY D 142 1.51 -11.17 -21.48
N LEU D 143 1.93 -12.23 -20.81
CA LEU D 143 1.02 -13.16 -20.14
C LEU D 143 0.03 -12.50 -19.19
N LEU D 144 0.47 -11.49 -18.46
CA LEU D 144 -0.41 -10.83 -17.51
C LEU D 144 -0.96 -9.48 -17.99
N THR D 145 -0.69 -9.15 -19.25
CA THR D 145 -1.18 -7.91 -19.81
C THR D 145 -2.70 -7.80 -19.68
N PRO D 146 -3.42 -8.90 -19.97
CA PRO D 146 -4.88 -8.88 -19.87
C PRO D 146 -5.40 -8.85 -18.43
N THR D 147 -4.50 -9.05 -17.47
CA THR D 147 -4.88 -9.06 -16.06
C THR D 147 -4.19 -7.98 -15.22
N PRO D 148 -4.42 -6.70 -15.56
CA PRO D 148 -3.81 -5.57 -14.85
C PRO D 148 -4.20 -5.45 -13.38
N LYS D 149 -5.24 -6.19 -12.99
CA LYS D 149 -5.72 -6.12 -11.62
C LYS D 149 -5.20 -7.26 -10.73
N LEU D 150 -4.29 -8.07 -11.26
CA LEU D 150 -3.75 -9.21 -10.53
C LEU D 150 -3.10 -8.79 -9.21
N GLU D 151 -3.45 -9.50 -8.14
CA GLU D 151 -2.91 -9.22 -6.81
C GLU D 151 -2.00 -10.37 -6.36
N LYS D 152 -2.24 -11.55 -6.88
CA LYS D 152 -1.43 -12.72 -6.52
C LYS D 152 -1.11 -13.61 -7.71
N LEU D 153 0.15 -14.04 -7.76
CA LEU D 153 0.65 -14.90 -8.83
C LEU D 153 1.51 -16.01 -8.24
N SER D 154 1.08 -17.25 -8.43
CA SER D 154 1.82 -18.40 -7.93
C SER D 154 2.36 -19.22 -9.09
N LEU D 155 3.68 -19.30 -9.19
CA LEU D 155 4.36 -20.05 -10.24
C LEU D 155 5.38 -20.98 -9.61
N ALA D 156 5.14 -21.33 -8.35
CA ALA D 156 6.03 -22.20 -7.62
C ALA D 156 6.02 -23.62 -8.17
N ASN D 157 7.08 -24.36 -7.84
CA ASN D 157 7.24 -25.75 -8.23
C ASN D 157 6.92 -26.07 -9.68
N ASN D 158 7.57 -25.36 -10.59
CA ASN D 158 7.43 -25.57 -12.02
C ASN D 158 8.83 -25.90 -12.53
N ASN D 159 9.08 -25.72 -13.83
CA ASN D 159 10.42 -26.00 -14.35
C ASN D 159 11.00 -24.75 -14.99
N LEU D 160 10.65 -23.59 -14.46
CA LEU D 160 11.13 -22.32 -14.98
C LEU D 160 12.63 -22.14 -14.83
N THR D 161 13.27 -21.73 -15.92
CA THR D 161 14.71 -21.49 -15.90
C THR D 161 14.99 -19.99 -15.95
N GLU D 162 14.17 -19.26 -16.70
CA GLU D 162 14.31 -17.81 -16.80
C GLU D 162 12.93 -17.18 -16.95
N LEU D 163 12.78 -15.99 -16.38
CA LEU D 163 11.51 -15.27 -16.45
C LEU D 163 11.61 -14.13 -17.47
N PRO D 164 10.49 -13.81 -18.14
CA PRO D 164 10.48 -12.72 -19.12
C PRO D 164 10.76 -11.41 -18.41
N ALA D 165 11.80 -10.70 -18.84
CA ALA D 165 12.16 -9.42 -18.24
C ALA D 165 10.98 -8.52 -17.93
N GLY D 166 9.97 -8.54 -18.80
CA GLY D 166 8.80 -7.69 -18.58
C GLY D 166 7.52 -8.38 -18.14
N LEU D 167 7.65 -9.46 -17.39
CA LEU D 167 6.49 -10.22 -16.90
C LEU D 167 5.55 -9.42 -16.01
N LEU D 168 6.12 -8.66 -15.07
CA LEU D 168 5.32 -7.89 -14.12
C LEU D 168 4.88 -6.49 -14.57
N ASN D 169 5.05 -6.18 -15.85
CA ASN D 169 4.64 -4.88 -16.37
C ASN D 169 3.17 -4.61 -16.05
N GLY D 170 2.87 -3.42 -15.53
CA GLY D 170 1.51 -3.11 -15.18
C GLY D 170 1.33 -3.51 -13.73
N LEU D 171 0.58 -4.57 -13.48
CA LEU D 171 0.33 -5.08 -12.12
C LEU D 171 0.51 -4.01 -11.04
N GLU D 172 -0.45 -3.08 -10.97
CA GLU D 172 -0.42 -2.01 -9.99
C GLU D 172 -0.72 -2.51 -8.59
N ASN D 173 -1.39 -3.65 -8.48
CA ASN D 173 -1.77 -4.19 -7.19
C ASN D 173 -1.13 -5.50 -6.76
N LEU D 174 -0.13 -5.98 -7.50
CA LEU D 174 0.51 -7.25 -7.15
C LEU D 174 1.19 -7.15 -5.78
N ASP D 175 0.79 -8.02 -4.86
CA ASP D 175 1.38 -8.03 -3.54
C ASP D 175 2.07 -9.36 -3.22
N THR D 176 1.66 -10.43 -3.90
CA THR D 176 2.23 -11.76 -3.66
C THR D 176 2.76 -12.43 -4.93
N LEU D 177 4.02 -12.85 -4.87
CA LEU D 177 4.68 -13.49 -6.00
C LEU D 177 5.40 -14.77 -5.56
N LEU D 178 4.89 -15.92 -6.00
CA LEU D 178 5.52 -17.19 -5.61
C LEU D 178 6.30 -17.83 -6.75
N LEU D 179 7.61 -17.90 -6.59
CA LEU D 179 8.49 -18.48 -7.60
C LEU D 179 9.44 -19.51 -6.99
N GLN D 180 9.15 -19.98 -5.78
CA GLN D 180 10.02 -20.95 -5.13
C GLN D 180 10.03 -22.32 -5.80
N GLU D 181 11.08 -23.09 -5.53
CA GLU D 181 11.23 -24.44 -6.05
C GLU D 181 11.14 -24.52 -7.57
N ASN D 182 11.93 -23.69 -8.26
CA ASN D 182 11.96 -23.70 -9.72
C ASN D 182 13.40 -23.95 -10.17
N SER D 183 13.72 -23.60 -11.40
CA SER D 183 15.06 -23.79 -11.93
C SER D 183 15.62 -22.42 -12.33
N LEU D 184 15.41 -21.43 -11.48
CA LEU D 184 15.88 -20.08 -11.77
C LEU D 184 17.31 -19.82 -11.31
N TYR D 185 18.12 -19.24 -12.18
CA TYR D 185 19.50 -18.94 -11.84
C TYR D 185 19.76 -17.44 -11.76
N THR D 186 18.90 -16.64 -12.39
CA THR D 186 19.06 -15.19 -12.36
C THR D 186 17.74 -14.44 -12.59
N ILE D 187 17.78 -13.13 -12.43
CA ILE D 187 16.61 -12.27 -12.62
C ILE D 187 16.94 -11.15 -13.61
N PRO D 188 16.09 -10.96 -14.63
CA PRO D 188 16.27 -9.93 -15.66
C PRO D 188 16.52 -8.53 -15.11
N LYS D 189 16.89 -7.61 -16.00
CA LYS D 189 17.19 -6.22 -15.67
C LYS D 189 16.24 -5.62 -14.64
N GLY D 190 15.17 -4.99 -15.10
CA GLY D 190 14.22 -4.40 -14.18
C GLY D 190 12.98 -5.25 -14.02
N PHE D 191 13.19 -6.52 -13.66
CA PHE D 191 12.09 -7.46 -13.48
C PHE D 191 11.04 -7.02 -12.46
N PHE D 192 11.49 -6.50 -11.32
CA PHE D 192 10.57 -6.08 -10.27
C PHE D 192 10.02 -4.67 -10.43
N GLY D 193 10.63 -3.89 -11.30
CA GLY D 193 10.17 -2.53 -11.52
C GLY D 193 10.11 -1.69 -10.25
N SER D 194 9.24 -0.69 -10.28
CA SER D 194 9.08 0.25 -9.18
C SER D 194 8.06 -0.16 -8.13
N HIS D 195 7.25 -1.16 -8.43
CA HIS D 195 6.22 -1.59 -7.49
C HIS D 195 6.73 -2.26 -6.23
N LEU D 196 5.99 -2.05 -5.14
CA LEU D 196 6.35 -2.64 -3.86
C LEU D 196 5.69 -4.01 -3.77
N LEU D 197 6.50 -5.02 -3.47
CA LEU D 197 6.01 -6.38 -3.37
C LEU D 197 6.10 -6.88 -1.93
N PRO D 198 4.98 -6.84 -1.19
CA PRO D 198 4.85 -7.25 0.21
C PRO D 198 5.29 -8.70 0.50
N PHE D 199 4.95 -9.63 -0.37
CA PHE D 199 5.31 -11.03 -0.14
C PHE D 199 5.88 -11.76 -1.34
N ALA D 200 7.17 -12.07 -1.27
CA ALA D 200 7.82 -12.77 -2.36
C ALA D 200 8.49 -14.04 -1.85
N PHE D 201 8.38 -15.10 -2.64
CA PHE D 201 8.97 -16.38 -2.30
C PHE D 201 9.89 -16.74 -3.46
N LEU D 202 11.19 -16.73 -3.18
CA LEU D 202 12.19 -16.98 -4.22
C LEU D 202 13.17 -18.11 -3.88
N HIS D 203 12.94 -18.75 -2.74
CA HIS D 203 13.79 -19.83 -2.27
C HIS D 203 13.62 -21.12 -3.05
N GLY D 204 14.59 -22.02 -2.89
CA GLY D 204 14.53 -23.29 -3.59
C GLY D 204 14.85 -23.20 -5.06
N ASN D 205 15.75 -22.27 -5.41
CA ASN D 205 16.19 -22.06 -6.79
C ASN D 205 17.70 -22.02 -6.83
N PRO D 206 18.32 -22.46 -7.94
CA PRO D 206 19.78 -22.48 -8.10
C PRO D 206 20.32 -21.16 -8.68
N TRP D 207 20.23 -20.10 -7.89
CA TRP D 207 20.71 -18.80 -8.33
C TRP D 207 22.20 -18.79 -8.65
N LEU D 208 22.53 -18.49 -9.90
CA LEU D 208 23.92 -18.42 -10.33
C LEU D 208 24.43 -17.01 -10.05
N CYS D 209 25.20 -16.87 -8.99
CA CYS D 209 25.73 -15.57 -8.60
C CYS D 209 27.01 -15.14 -9.30
N ASN D 210 26.85 -14.32 -10.34
CA ASN D 210 27.98 -13.81 -11.09
C ASN D 210 27.92 -12.28 -11.10
N CYS D 211 28.00 -11.69 -12.29
CA CYS D 211 27.95 -10.24 -12.42
C CYS D 211 26.58 -9.73 -12.80
N GLU D 212 25.75 -10.60 -13.36
CA GLU D 212 24.41 -10.21 -13.76
C GLU D 212 23.34 -10.69 -12.80
N ILE D 213 23.73 -10.85 -11.54
CA ILE D 213 22.82 -11.27 -10.49
C ILE D 213 22.84 -10.11 -9.50
N LEU D 214 23.40 -8.99 -9.95
CA LEU D 214 23.50 -7.78 -9.13
C LEU D 214 22.18 -7.05 -8.94
N TYR D 215 21.41 -6.88 -10.02
CA TYR D 215 20.11 -6.22 -9.91
C TYR D 215 19.36 -6.91 -8.78
N PHE D 216 19.16 -8.22 -8.93
CA PHE D 216 18.46 -9.04 -7.96
C PHE D 216 19.17 -8.96 -6.61
N ARG D 217 20.48 -8.73 -6.67
CA ARG D 217 21.30 -8.62 -5.47
C ARG D 217 20.82 -7.48 -4.57
N ARG D 218 20.67 -6.31 -5.16
CA ARG D 218 20.23 -5.14 -4.40
C ARG D 218 18.74 -5.18 -4.10
N TRP D 219 17.96 -5.70 -5.04
CA TRP D 219 16.53 -5.80 -4.83
C TRP D 219 16.31 -6.55 -3.53
N LEU D 220 16.97 -7.70 -3.39
CA LEU D 220 16.87 -8.50 -2.17
C LEU D 220 17.25 -7.63 -0.97
N GLN D 221 18.27 -6.80 -1.15
CA GLN D 221 18.72 -5.93 -0.09
C GLN D 221 17.58 -5.01 0.34
N ASP D 222 17.04 -4.26 -0.62
CA ASP D 222 15.95 -3.37 -0.31
C ASP D 222 14.73 -4.11 0.24
N ASN D 223 14.40 -5.24 -0.39
CA ASN D 223 13.24 -6.03 0.00
C ASN D 223 13.52 -7.16 0.96
N ALA D 224 14.57 -7.02 1.75
CA ALA D 224 14.94 -8.05 2.71
C ALA D 224 13.77 -8.49 3.59
N GLU D 225 12.93 -7.52 3.96
CA GLU D 225 11.77 -7.80 4.82
C GLU D 225 10.54 -8.33 4.08
N ASN D 226 10.63 -8.43 2.76
CA ASN D 226 9.50 -8.92 1.96
C ASN D 226 9.69 -10.30 1.36
N VAL D 227 10.79 -10.97 1.72
CA VAL D 227 11.07 -12.30 1.20
C VAL D 227 10.76 -13.32 2.28
N TYR D 228 9.87 -14.26 1.98
CA TYR D 228 9.50 -15.28 2.95
C TYR D 228 9.68 -16.69 2.41
N VAL D 229 9.58 -17.66 3.31
CA VAL D 229 9.71 -19.07 2.95
C VAL D 229 8.36 -19.76 3.10
N TRP D 230 7.85 -20.30 1.99
CA TRP D 230 6.58 -20.98 2.00
C TRP D 230 6.63 -22.26 2.82
N LYS D 231 5.62 -22.45 3.66
CA LYS D 231 5.53 -23.64 4.49
C LYS D 231 4.26 -24.40 4.17
N GLN D 232 3.13 -23.69 4.24
CA GLN D 232 1.83 -24.29 3.94
C GLN D 232 0.69 -23.29 4.12
N GLY D 233 -0.53 -23.80 4.15
CA GLY D 233 -1.70 -22.96 4.32
C GLY D 233 -2.04 -22.70 5.77
N VAL D 234 -2.90 -21.69 6.00
CA VAL D 234 -3.34 -21.31 7.33
C VAL D 234 -2.20 -20.61 8.12
N ASP D 235 -0.98 -20.77 7.63
CA ASP D 235 0.19 -20.18 8.26
C ASP D 235 0.28 -18.67 8.10
N VAL D 236 -0.31 -18.15 7.02
CA VAL D 236 -0.27 -16.72 6.74
C VAL D 236 1.20 -16.30 6.68
N LYS D 237 1.76 -16.33 5.46
CA LYS D 237 3.16 -15.98 5.24
C LYS D 237 3.49 -14.55 5.64
N ALA D 238 3.05 -14.15 6.81
CA ALA D 238 3.29 -12.83 7.36
C ALA D 238 4.01 -13.02 8.69
N MET D 239 4.62 -14.19 8.84
CA MET D 239 5.35 -14.53 10.05
C MET D 239 6.85 -14.60 9.80
N THR D 240 7.58 -13.69 10.44
CA THR D 240 9.03 -13.60 10.31
C THR D 240 9.57 -13.69 8.88
N SER D 241 10.05 -12.55 8.38
CA SER D 241 10.63 -12.47 7.05
C SER D 241 11.88 -13.34 7.06
N ASN D 242 12.51 -13.53 5.90
CA ASN D 242 13.72 -14.35 5.83
C ASN D 242 14.39 -14.24 4.47
N VAL D 243 15.00 -13.09 4.21
CA VAL D 243 15.66 -12.85 2.93
C VAL D 243 16.77 -13.87 2.63
N ALA D 244 17.46 -14.32 3.65
CA ALA D 244 18.55 -15.28 3.47
C ALA D 244 18.14 -16.58 2.79
N SER D 245 16.83 -16.81 2.70
CA SER D 245 16.32 -18.03 2.08
C SER D 245 16.68 -18.14 0.61
N VAL D 246 17.14 -17.03 0.03
CA VAL D 246 17.54 -17.02 -1.38
C VAL D 246 19.05 -17.21 -1.40
N GLN D 247 19.48 -18.41 -1.77
CA GLN D 247 20.89 -18.76 -1.78
C GLN D 247 21.49 -19.02 -3.15
N CYS D 248 22.76 -18.67 -3.31
CA CYS D 248 23.46 -18.86 -4.58
C CYS D 248 23.54 -20.35 -4.88
N ASP D 249 23.32 -20.70 -6.14
CA ASP D 249 23.34 -22.09 -6.55
C ASP D 249 22.46 -22.95 -5.66
N ASN D 250 21.56 -22.31 -4.91
CA ASN D 250 20.67 -23.04 -4.00
C ASN D 250 21.61 -23.60 -2.93
N SER D 251 22.86 -23.13 -3.00
CA SER D 251 23.92 -23.52 -2.08
C SER D 251 23.73 -22.87 -0.72
N ASP D 252 23.06 -23.60 0.17
CA ASP D 252 22.78 -23.12 1.51
C ASP D 252 23.48 -21.80 1.89
N LYS D 253 24.59 -21.91 2.64
CA LYS D 253 25.38 -20.75 3.13
C LYS D 253 25.69 -19.63 2.14
N PHE D 254 25.11 -19.63 0.95
CA PHE D 254 25.50 -18.57 0.03
C PHE D 254 24.38 -17.62 -0.35
N PRO D 255 23.68 -17.09 0.68
CA PRO D 255 22.58 -16.15 0.45
C PRO D 255 22.97 -15.24 -0.67
N VAL D 256 22.02 -14.80 -1.47
CA VAL D 256 22.36 -13.91 -2.56
C VAL D 256 22.44 -12.46 -2.09
N TYR D 257 21.83 -12.14 -0.96
CA TYR D 257 21.85 -10.77 -0.48
C TYR D 257 23.15 -10.43 0.25
N LYS D 258 24.17 -11.23 0.02
CA LYS D 258 25.47 -11.00 0.62
C LYS D 258 26.58 -11.52 -0.28
N TYR D 259 26.45 -11.24 -1.57
CA TYR D 259 27.43 -11.69 -2.54
C TYR D 259 28.16 -10.53 -3.20
N PRO D 260 29.42 -10.30 -2.80
CA PRO D 260 30.21 -9.19 -3.38
C PRO D 260 30.55 -9.49 -4.84
N GLY D 261 30.10 -8.61 -5.73
CA GLY D 261 30.36 -8.79 -7.15
C GLY D 261 31.81 -8.64 -7.56
N LYS D 262 32.71 -8.77 -6.58
CA LYS D 262 34.15 -8.66 -6.80
C LYS D 262 34.54 -7.86 -8.04
N GLY D 263 34.94 -8.57 -9.09
CA GLY D 263 35.36 -7.91 -10.32
C GLY D 263 34.25 -7.76 -11.34
N CYS D 264 33.23 -6.99 -11.00
CA CYS D 264 32.12 -6.77 -11.91
C CYS D 264 32.02 -5.31 -12.35
N PRO D 265 31.71 -5.08 -13.63
CA PRO D 265 31.57 -3.76 -14.25
C PRO D 265 30.78 -2.75 -13.42
N THR D 266 30.83 -1.49 -13.84
CA THR D 266 30.15 -0.38 -13.18
C THR D 266 30.15 -0.51 -11.66
N LEU D 267 31.11 0.15 -11.03
CA LEU D 267 31.25 0.11 -9.58
C LEU D 267 30.19 0.95 -8.86
N GLY D 268 29.14 1.34 -9.57
CA GLY D 268 28.10 2.13 -8.94
C GLY D 268 26.80 2.24 -9.72
N ASP D 269 25.96 1.22 -9.63
CA ASP D 269 24.67 1.19 -10.31
C ASP D 269 23.77 0.12 -9.69
N GLU D 270 24.27 -1.11 -9.64
CA GLU D 270 23.52 -2.23 -9.07
C GLU D 270 24.05 -2.48 -7.66
N GLY D 271 23.18 -2.29 -6.66
CA GLY D 271 23.59 -2.49 -5.28
C GLY D 271 24.67 -1.50 -4.87
N ASP D 272 24.39 -0.22 -5.04
CA ASP D 272 25.35 0.81 -4.70
C ASP D 272 24.95 1.63 -3.47
N THR D 273 24.02 1.12 -2.66
CA THR D 273 23.58 1.81 -1.47
C THR D 273 24.25 1.21 -0.22
N ASP D 274 23.53 1.17 0.90
CA ASP D 274 24.07 0.65 2.16
C ASP D 274 25.15 1.65 2.58
N LEU D 275 24.85 2.93 2.37
CA LEU D 275 25.74 4.02 2.69
C LEU D 275 25.78 4.43 4.15
N ASP D 277 24.30 4.08 8.41
CA ASP D 277 23.91 3.20 9.49
C ASP D 277 22.52 3.60 9.97
N TYR D 278 21.76 2.64 10.48
CA TYR D 278 20.43 2.93 11.02
C TYR D 278 20.23 2.20 12.34
N PRO D 280 16.79 1.54 14.18
CA PRO D 280 15.33 1.50 14.38
C PRO D 280 14.92 0.83 15.68
N GLU D 281 13.74 1.20 16.18
CA GLU D 281 13.21 0.64 17.42
C GLU D 281 11.68 0.79 17.59
N GLU D 282 10.91 -0.03 16.87
CA GLU D 282 9.45 0.01 16.96
C GLU D 282 8.94 -0.94 18.06
N ASP D 283 7.63 -0.96 18.28
CA ASP D 283 7.06 -1.83 19.32
C ASP D 283 6.05 -2.88 18.84
N THR D 284 5.33 -3.46 19.78
CA THR D 284 4.32 -4.50 19.53
C THR D 284 3.13 -3.95 18.75
#